data_4GST
#
_entry.id   4GST
#
_cell.length_a   88.240
_cell.length_b   69.440
_cell.length_c   81.280
_cell.angle_alpha   90.00
_cell.angle_beta   106.01
_cell.angle_gamma   90.00
#
_symmetry.space_group_name_H-M   'C 1 2 1'
#
loop_
_entity.id
_entity.type
_entity.pdbx_description
1 polymer 'GLUTATHIONE S-TRANSFERASE'
2 non-polymer 'SULFATE ION'
3 non-polymer 1-(S-GLUTATHIONYL)-2,4,6-TRINITROCYCLOHEXA-2,5-DIENE
4 water water
#
_entity_poly.entity_id   1
_entity_poly.type   'polypeptide(L)'
_entity_poly.pdbx_seq_one_letter_code
;PMILGYWNVRGLTHPIRLLLEYTDSSYEEKRYAMGDAPDYDRSQWLNEKFKLGLDFPNLPYLIDGSRKITQSNAIMRYLA
RKHHLCGETEEERIRADIVENQVMDNRMQLIMLCYNPDFEKQKPEFLKTIPEKMKLYSEFLGKRPWFAGDKVTYVDFLAY
DILDQYHIFEPKCLDAFPNLKDFLARFEGLKKISAYMKSSRYLSTPIFSKLAQWSNK
;
_entity_poly.pdbx_strand_id   A,B
#
loop_
_chem_comp.id
_chem_comp.type
_chem_comp.name
_chem_comp.formula
GTD non-polymer 1-(S-GLUTATHIONYL)-2,4,6-TRINITROCYCLOHEXA-2,5-DIENE 'C16 H20 N6 O12 S'
SO4 non-polymer 'SULFATE ION' 'O4 S -2'
#
# COMPACT_ATOMS: atom_id res chain seq x y z
N PRO A 1 -16.94 -15.32 17.71
CA PRO A 1 -15.93 -15.57 16.66
C PRO A 1 -15.11 -14.34 16.32
N MET A 2 -14.47 -14.39 15.14
CA MET A 2 -13.71 -13.25 14.60
C MET A 2 -14.77 -12.21 14.21
N ILE A 3 -14.43 -10.95 14.28
CA ILE A 3 -15.34 -9.86 13.93
C ILE A 3 -14.66 -9.03 12.83
N LEU A 4 -15.36 -8.83 11.75
CA LEU A 4 -14.89 -7.99 10.63
C LEU A 4 -15.75 -6.75 10.58
N GLY A 5 -15.19 -5.52 10.66
CA GLY A 5 -15.92 -4.30 10.50
C GLY A 5 -15.61 -3.51 9.24
N TYR A 6 -16.62 -2.88 8.65
CA TYR A 6 -16.41 -2.08 7.41
C TYR A 6 -17.72 -1.47 7.02
N TRP A 7 -17.77 -0.57 6.10
CA TRP A 7 -18.90 0.09 5.47
C TRP A 7 -19.75 -1.03 4.83
N ASN A 8 -20.99 -0.67 4.61
CA ASN A 8 -21.95 -1.64 4.00
C ASN A 8 -21.83 -1.48 2.48
N VAL A 9 -20.57 -1.56 2.06
CA VAL A 9 -20.21 -1.45 0.65
C VAL A 9 -19.09 -2.45 0.39
N ARG A 10 -18.91 -2.66 -0.92
CA ARG A 10 -17.83 -3.54 -1.38
C ARG A 10 -16.48 -2.88 -1.05
N GLY A 11 -16.26 -1.69 -1.54
CA GLY A 11 -15.00 -0.95 -1.35
C GLY A 11 -13.76 -1.78 -1.54
N LEU A 12 -12.87 -1.86 -0.56
CA LEU A 12 -11.67 -2.63 -0.57
C LEU A 12 -11.61 -3.86 0.32
N THR A 13 -12.77 -4.20 0.82
CA THR A 13 -12.90 -5.37 1.75
C THR A 13 -13.37 -6.67 1.13
N HIS A 14 -13.69 -6.67 -0.14
CA HIS A 14 -14.11 -7.91 -0.82
C HIS A 14 -13.11 -9.00 -0.65
N PRO A 15 -11.81 -8.81 -0.89
CA PRO A 15 -10.82 -9.85 -0.71
C PRO A 15 -10.90 -10.52 0.65
N ILE A 16 -11.11 -9.71 1.68
CA ILE A 16 -11.18 -10.29 3.05
C ILE A 16 -12.41 -11.19 3.26
N ARG A 17 -13.53 -10.63 2.89
CA ARG A 17 -14.81 -11.44 2.92
C ARG A 17 -14.66 -12.75 2.19
N LEU A 18 -14.04 -12.75 1.01
CA LEU A 18 -13.81 -13.96 0.21
C LEU A 18 -12.88 -14.95 0.86
N LEU A 19 -11.81 -14.42 1.51
CA LEU A 19 -10.83 -15.28 2.19
C LEU A 19 -11.42 -15.86 3.46
N LEU A 20 -12.21 -15.08 4.17
CA LEU A 20 -12.90 -15.59 5.38
C LEU A 20 -13.73 -16.83 5.02
N GLU A 21 -14.47 -16.73 3.95
CA GLU A 21 -15.30 -17.79 3.35
C GLU A 21 -14.52 -18.96 2.85
N TYR A 22 -13.43 -18.80 2.07
CA TYR A 22 -12.57 -19.80 1.52
C TYR A 22 -11.91 -20.66 2.58
N THR A 23 -11.53 -20.09 3.73
CA THR A 23 -10.90 -20.78 4.80
C THR A 23 -11.89 -21.36 5.81
N ASP A 24 -13.16 -21.21 5.64
CA ASP A 24 -14.16 -21.77 6.57
C ASP A 24 -13.95 -21.19 7.96
N SER A 25 -13.74 -19.89 8.00
CA SER A 25 -13.50 -19.21 9.28
C SER A 25 -14.84 -18.93 9.94
N SER A 26 -14.84 -18.96 11.27
CA SER A 26 -16.03 -18.55 12.03
C SER A 26 -15.87 -17.04 12.20
N TYR A 27 -16.78 -16.26 11.69
CA TYR A 27 -16.71 -14.81 11.76
C TYR A 27 -18.09 -14.23 11.70
N GLU A 28 -18.17 -13.01 12.15
CA GLU A 28 -19.33 -12.14 12.15
C GLU A 28 -18.86 -10.81 11.55
N GLU A 29 -19.79 -10.04 11.07
CA GLU A 29 -19.62 -8.74 10.52
C GLU A 29 -20.54 -7.65 11.06
N LYS A 30 -19.91 -6.48 11.05
CA LYS A 30 -20.55 -5.22 11.37
C LYS A 30 -20.35 -4.38 10.10
N ARG A 31 -21.46 -4.11 9.49
CA ARG A 31 -21.58 -3.32 8.26
C ARG A 31 -22.14 -1.96 8.61
N TYR A 32 -21.28 -0.98 8.79
CA TYR A 32 -21.62 0.39 9.20
C TYR A 32 -22.27 1.19 8.11
N ALA A 33 -23.31 1.96 8.40
CA ALA A 33 -23.95 2.82 7.39
C ALA A 33 -23.58 4.29 7.43
N MET A 34 -23.53 4.90 6.26
CA MET A 34 -23.23 6.34 6.08
C MET A 34 -24.55 6.97 5.62
N GLY A 35 -24.79 8.19 6.08
CA GLY A 35 -25.98 8.96 5.69
C GLY A 35 -25.70 9.51 4.28
N ASP A 36 -26.77 9.92 3.61
CA ASP A 36 -26.65 10.48 2.26
C ASP A 36 -26.19 11.95 2.37
N ALA A 37 -26.02 12.50 1.17
CA ALA A 37 -25.62 13.90 0.98
C ALA A 37 -26.67 14.77 1.68
N PRO A 38 -26.25 15.94 2.08
CA PRO A 38 -24.94 16.55 1.86
C PRO A 38 -23.99 16.39 3.04
N ASP A 39 -24.40 15.75 4.12
CA ASP A 39 -23.55 15.58 5.30
C ASP A 39 -22.93 14.21 5.40
N TYR A 40 -23.56 13.24 4.78
CA TYR A 40 -23.03 11.86 4.80
C TYR A 40 -22.55 11.46 6.20
N ASP A 41 -23.49 11.37 7.11
CA ASP A 41 -23.27 11.02 8.51
C ASP A 41 -22.40 9.79 8.72
N ARG A 42 -21.33 9.92 9.51
CA ARG A 42 -20.49 8.74 9.79
C ARG A 42 -20.54 8.36 11.26
N SER A 43 -21.53 8.82 12.03
CA SER A 43 -21.58 8.53 13.46
C SER A 43 -21.63 7.08 13.90
N GLN A 44 -22.33 6.24 13.12
CA GLN A 44 -22.45 4.82 13.49
C GLN A 44 -21.05 4.27 13.78
N TRP A 45 -20.08 4.74 12.99
CA TRP A 45 -18.69 4.32 13.13
C TRP A 45 -17.95 5.24 14.13
N LEU A 46 -18.15 6.51 13.96
CA LEU A 46 -17.46 7.51 14.81
C LEU A 46 -17.77 7.32 16.29
N ASN A 47 -18.96 6.81 16.52
CA ASN A 47 -19.38 6.48 17.91
C ASN A 47 -18.54 5.44 18.58
N GLU A 48 -17.88 4.52 17.87
CA GLU A 48 -17.04 3.52 18.50
C GLU A 48 -15.61 3.38 17.97
N LYS A 49 -15.25 4.29 17.09
CA LYS A 49 -13.91 4.26 16.42
C LYS A 49 -12.73 4.10 17.38
N PHE A 50 -12.84 4.88 18.47
CA PHE A 50 -11.86 4.95 19.54
C PHE A 50 -12.14 4.03 20.75
N LYS A 51 -13.15 3.19 20.65
CA LYS A 51 -13.45 2.24 21.70
C LYS A 51 -13.17 0.77 21.53
N LEU A 52 -12.57 0.30 20.45
CA LEU A 52 -12.23 -1.10 20.18
C LEU A 52 -10.87 -1.69 20.47
N GLY A 53 -9.96 -0.91 21.05
CA GLY A 53 -8.61 -1.28 21.38
C GLY A 53 -7.70 -1.41 20.15
N LEU A 54 -8.05 -0.72 19.08
CA LEU A 54 -7.27 -0.89 17.80
C LEU A 54 -6.06 0.04 17.95
N ASP A 55 -4.90 -0.37 17.48
CA ASP A 55 -3.73 0.55 17.51
C ASP A 55 -3.89 1.78 16.62
N PHE A 56 -4.30 1.69 15.38
CA PHE A 56 -4.48 2.81 14.42
C PHE A 56 -5.87 2.58 13.87
N PRO A 57 -6.91 3.20 14.49
CA PRO A 57 -8.26 2.90 14.13
C PRO A 57 -8.59 3.24 12.67
N ASN A 58 -9.32 2.25 12.10
CA ASN A 58 -9.71 2.41 10.70
C ASN A 58 -10.66 1.27 10.28
N LEU A 59 -11.22 1.43 9.10
CA LEU A 59 -12.06 0.37 8.48
C LEU A 59 -11.30 -0.05 7.14
N PRO A 60 -11.17 -1.31 6.89
CA PRO A 60 -11.67 -2.41 7.76
C PRO A 60 -10.80 -2.72 8.97
N TYR A 61 -11.42 -3.45 9.94
CA TYR A 61 -10.72 -3.98 11.07
C TYR A 61 -11.17 -5.44 11.28
N LEU A 62 -10.32 -6.25 11.85
CA LEU A 62 -10.52 -7.64 12.18
C LEU A 62 -10.20 -7.81 13.68
N ILE A 63 -11.15 -8.32 14.48
CA ILE A 63 -10.79 -8.66 15.87
C ILE A 63 -10.78 -10.19 15.95
N ASP A 64 -9.68 -10.77 16.37
CA ASP A 64 -9.52 -12.22 16.47
C ASP A 64 -8.99 -12.60 17.87
N GLY A 65 -9.95 -12.60 18.80
CA GLY A 65 -9.58 -12.95 20.19
C GLY A 65 -8.90 -11.70 20.76
N SER A 66 -7.66 -11.85 21.11
CA SER A 66 -6.84 -10.77 21.68
C SER A 66 -6.23 -9.93 20.54
N ARG A 67 -6.11 -10.53 19.38
CA ARG A 67 -5.50 -9.85 18.21
C ARG A 67 -6.45 -8.88 17.53
N LYS A 68 -6.09 -7.62 17.36
CA LYS A 68 -6.92 -6.62 16.67
C LYS A 68 -6.00 -6.10 15.53
N ILE A 69 -6.54 -6.19 14.32
CA ILE A 69 -5.76 -5.76 13.13
C ILE A 69 -6.46 -4.70 12.32
N THR A 70 -5.69 -3.73 11.80
CA THR A 70 -6.25 -2.72 10.91
C THR A 70 -5.32 -2.82 9.64
N GLN A 71 -5.68 -2.14 8.63
CA GLN A 71 -4.98 -2.16 7.31
C GLN A 71 -5.39 -3.44 6.53
N SER A 72 -6.14 -3.24 5.48
CA SER A 72 -6.66 -4.40 4.68
C SER A 72 -5.65 -5.42 4.30
N ASN A 73 -4.43 -5.00 3.86
CA ASN A 73 -3.32 -5.88 3.50
C ASN A 73 -2.77 -6.60 4.73
N ALA A 74 -2.77 -5.90 5.92
CA ALA A 74 -2.27 -6.74 7.05
C ALA A 74 -3.35 -7.79 7.44
N ILE A 75 -4.60 -7.44 7.34
CA ILE A 75 -5.69 -8.44 7.61
C ILE A 75 -5.54 -9.65 6.70
N MET A 76 -5.29 -9.41 5.42
CA MET A 76 -5.08 -10.47 4.43
C MET A 76 -3.91 -11.36 4.80
N ARG A 77 -2.72 -10.83 5.10
CA ARG A 77 -1.52 -11.54 5.44
C ARG A 77 -1.66 -12.37 6.71
N TYR A 78 -2.46 -11.92 7.63
CA TYR A 78 -2.73 -12.60 8.93
C TYR A 78 -3.53 -13.88 8.69
N LEU A 79 -4.54 -13.76 7.86
CA LEU A 79 -5.37 -14.92 7.44
C LEU A 79 -4.55 -15.90 6.62
N ALA A 80 -3.68 -15.42 5.74
CA ALA A 80 -2.81 -16.23 4.89
C ALA A 80 -1.81 -17.01 5.68
N ARG A 81 -1.20 -16.47 6.71
CA ARG A 81 -0.24 -17.17 7.57
C ARG A 81 -0.92 -18.25 8.41
N LYS A 82 -2.13 -17.95 8.84
CA LYS A 82 -2.90 -18.89 9.70
C LYS A 82 -3.31 -20.09 8.89
N HIS A 83 -3.58 -19.85 7.63
CA HIS A 83 -4.08 -20.85 6.68
C HIS A 83 -3.13 -21.34 5.61
N HIS A 84 -1.86 -21.03 5.72
CA HIS A 84 -0.83 -21.49 4.78
C HIS A 84 -1.17 -21.18 3.33
N LEU A 85 -1.61 -19.96 3.10
CA LEU A 85 -1.94 -19.42 1.79
C LEU A 85 -0.90 -18.34 1.40
N CYS A 86 0.33 -18.62 1.71
CA CYS A 86 1.45 -17.70 1.37
C CYS A 86 2.32 -18.41 0.33
N GLY A 87 3.26 -17.74 -0.32
CA GLY A 87 4.19 -18.46 -1.22
C GLY A 87 5.12 -19.33 -0.34
N GLU A 88 5.62 -20.39 -0.91
CA GLU A 88 6.52 -21.32 -0.22
C GLU A 88 7.97 -21.19 -0.66
N THR A 89 8.20 -20.51 -1.76
CA THR A 89 9.59 -20.35 -2.21
C THR A 89 9.79 -18.84 -2.39
N GLU A 90 11.06 -18.46 -2.48
CA GLU A 90 11.39 -17.05 -2.68
C GLU A 90 10.65 -16.53 -3.91
N GLU A 91 10.57 -17.29 -4.98
CA GLU A 91 9.93 -16.85 -6.23
C GLU A 91 8.46 -16.49 -6.03
N GLU A 92 7.75 -17.33 -5.33
CA GLU A 92 6.31 -17.08 -5.03
C GLU A 92 6.14 -15.85 -4.11
N ARG A 93 7.05 -15.73 -3.16
CA ARG A 93 6.93 -14.56 -2.23
C ARG A 93 7.11 -13.25 -2.96
N ILE A 94 8.08 -13.28 -3.89
CA ILE A 94 8.29 -12.03 -4.72
C ILE A 94 7.08 -11.65 -5.52
N ARG A 95 6.53 -12.61 -6.31
CA ARG A 95 5.36 -12.41 -7.13
C ARG A 95 4.18 -11.98 -6.24
N ALA A 96 4.08 -12.69 -5.11
CA ALA A 96 2.92 -12.16 -4.25
C ALA A 96 3.08 -10.72 -3.80
N ASP A 97 4.25 -10.33 -3.33
CA ASP A 97 4.61 -8.97 -2.89
C ASP A 97 4.32 -7.96 -3.95
N ILE A 98 4.74 -8.24 -5.20
CA ILE A 98 4.52 -7.31 -6.32
C ILE A 98 3.05 -7.07 -6.58
N VAL A 99 2.31 -8.19 -6.67
CA VAL A 99 0.88 -8.14 -7.00
C VAL A 99 0.05 -7.42 -5.92
N GLU A 100 0.36 -7.69 -4.68
CA GLU A 100 -0.38 -7.06 -3.55
C GLU A 100 -0.36 -5.58 -3.71
N ASN A 101 0.92 -5.09 -3.99
CA ASN A 101 1.10 -3.64 -4.18
C ASN A 101 0.56 -3.01 -5.46
N GLN A 102 0.64 -3.84 -6.53
CA GLN A 102 0.12 -3.37 -7.86
C GLN A 102 -1.37 -3.15 -7.76
N VAL A 103 -2.04 -4.12 -7.16
CA VAL A 103 -3.49 -4.02 -6.90
C VAL A 103 -3.91 -2.72 -6.31
N MET A 104 -3.13 -2.33 -5.25
CA MET A 104 -3.48 -1.13 -4.48
C MET A 104 -3.34 0.04 -5.43
N ASP A 105 -2.26 0.09 -6.19
CA ASP A 105 -2.08 1.22 -7.13
C ASP A 105 -3.32 1.39 -8.05
N ASN A 106 -3.64 0.23 -8.63
CA ASN A 106 -4.77 0.20 -9.64
C ASN A 106 -6.10 0.54 -8.94
N ARG A 107 -6.19 0.03 -7.69
CA ARG A 107 -7.40 0.44 -6.90
C ARG A 107 -7.41 1.94 -6.70
N MET A 108 -6.29 2.56 -6.22
CA MET A 108 -6.25 3.98 -5.96
C MET A 108 -6.63 4.84 -7.16
N GLN A 109 -6.20 4.42 -8.34
CA GLN A 109 -6.51 5.12 -9.61
C GLN A 109 -8.01 5.21 -9.91
N LEU A 110 -8.73 4.15 -9.58
CA LEU A 110 -10.18 4.03 -9.80
C LEU A 110 -10.92 5.01 -8.92
N ILE A 111 -10.55 4.97 -7.64
CA ILE A 111 -11.05 5.88 -6.60
C ILE A 111 -10.84 7.35 -6.95
N MET A 112 -9.63 7.74 -7.30
CA MET A 112 -9.32 9.14 -7.66
C MET A 112 -10.28 9.62 -8.73
N LEU A 113 -10.54 8.81 -9.73
CA LEU A 113 -11.50 9.12 -10.79
C LEU A 113 -12.94 9.18 -10.24
N CYS A 114 -13.27 8.11 -9.54
CA CYS A 114 -14.63 8.00 -8.97
C CYS A 114 -15.00 8.98 -7.88
N TYR A 115 -14.04 9.59 -7.21
CA TYR A 115 -14.46 10.61 -6.23
C TYR A 115 -14.25 12.00 -6.80
N ASN A 116 -14.07 12.11 -8.12
CA ASN A 116 -13.80 13.43 -8.74
C ASN A 116 -15.11 14.04 -9.23
N PRO A 117 -15.37 15.27 -8.85
CA PRO A 117 -16.59 15.97 -9.29
C PRO A 117 -16.59 16.05 -10.82
N ASP A 118 -15.40 16.04 -11.38
CA ASP A 118 -15.22 16.08 -12.85
C ASP A 118 -15.26 14.71 -13.51
N PHE A 119 -15.81 13.74 -12.82
CA PHE A 119 -15.97 12.34 -13.24
C PHE A 119 -16.22 12.25 -14.76
N GLU A 120 -17.33 12.81 -15.18
CA GLU A 120 -17.82 12.77 -16.56
C GLU A 120 -16.93 13.28 -17.67
N LYS A 121 -16.09 14.27 -17.39
CA LYS A 121 -15.15 14.84 -18.36
C LYS A 121 -13.80 14.18 -18.22
N GLN A 122 -13.64 13.56 -17.05
CA GLN A 122 -12.51 12.79 -16.59
C GLN A 122 -12.47 11.37 -17.19
N LYS A 123 -13.65 10.79 -17.26
CA LYS A 123 -13.84 9.41 -17.70
C LYS A 123 -13.18 9.02 -18.99
N PRO A 124 -13.32 9.83 -20.02
CA PRO A 124 -12.76 9.50 -21.35
C PRO A 124 -11.27 9.19 -21.34
N GLU A 125 -10.53 9.97 -20.57
CA GLU A 125 -9.06 9.81 -20.44
C GLU A 125 -8.66 8.57 -19.69
N PHE A 126 -9.42 8.25 -18.64
CA PHE A 126 -9.20 7.08 -17.80
C PHE A 126 -9.36 5.84 -18.67
N LEU A 127 -10.48 5.89 -19.39
CA LEU A 127 -10.85 4.75 -20.28
C LEU A 127 -9.71 4.31 -21.19
N LYS A 128 -8.95 5.31 -21.60
CA LYS A 128 -7.83 5.15 -22.54
C LYS A 128 -6.72 4.34 -21.92
N THR A 129 -6.56 4.48 -20.60
CA THR A 129 -5.55 3.73 -19.86
C THR A 129 -5.87 2.29 -19.54
N ILE A 130 -7.10 1.84 -19.59
CA ILE A 130 -7.43 0.46 -19.26
C ILE A 130 -6.71 -0.65 -19.96
N PRO A 131 -6.64 -0.61 -21.30
CA PRO A 131 -5.90 -1.64 -22.05
C PRO A 131 -4.49 -1.91 -21.59
N GLU A 132 -3.69 -0.90 -21.30
CA GLU A 132 -2.34 -1.08 -20.79
C GLU A 132 -2.31 -1.76 -19.44
N LYS A 133 -3.23 -1.36 -18.55
CA LYS A 133 -3.23 -2.04 -17.23
C LYS A 133 -3.47 -3.52 -17.34
N MET A 134 -4.50 -3.85 -18.13
CA MET A 134 -4.96 -5.22 -18.35
C MET A 134 -3.89 -6.09 -18.97
N LYS A 135 -3.17 -5.49 -19.92
CA LYS A 135 -2.08 -6.24 -20.61
C LYS A 135 -0.99 -6.69 -19.67
N LEU A 136 -0.64 -5.70 -18.79
CA LEU A 136 0.38 -6.03 -17.75
C LEU A 136 0.01 -7.23 -16.91
N TYR A 137 -1.24 -7.27 -16.43
CA TYR A 137 -1.73 -8.41 -15.67
C TYR A 137 -1.69 -9.69 -16.52
N SER A 138 -2.25 -9.54 -17.74
CA SER A 138 -2.25 -10.74 -18.61
C SER A 138 -0.86 -11.38 -18.78
N GLU A 139 0.07 -10.53 -19.18
CA GLU A 139 1.47 -11.03 -19.41
C GLU A 139 2.09 -11.52 -18.14
N PHE A 140 1.76 -11.02 -16.96
CA PHE A 140 2.36 -11.46 -15.66
C PHE A 140 1.85 -12.85 -15.31
N LEU A 141 0.57 -13.05 -15.51
CA LEU A 141 -0.09 -14.34 -15.13
C LEU A 141 0.41 -15.45 -16.07
N GLY A 142 0.49 -15.08 -17.34
CA GLY A 142 0.93 -15.88 -18.45
C GLY A 142 0.04 -17.13 -18.54
N LYS A 143 0.69 -18.26 -18.44
CA LYS A 143 -0.05 -19.54 -18.56
C LYS A 143 -0.27 -20.18 -17.20
N ARG A 144 0.15 -19.52 -16.12
CA ARG A 144 -0.03 -20.04 -14.76
C ARG A 144 -1.53 -20.01 -14.40
N PRO A 145 -1.89 -20.96 -13.56
CA PRO A 145 -3.27 -21.08 -13.06
C PRO A 145 -3.56 -19.99 -12.02
N TRP A 146 -2.55 -19.58 -11.27
CA TRP A 146 -2.70 -18.58 -10.22
C TRP A 146 -1.54 -17.56 -10.26
N PHE A 147 -1.78 -16.45 -9.62
CA PHE A 147 -0.76 -15.36 -9.69
C PHE A 147 0.63 -15.61 -9.18
N ALA A 148 0.76 -16.36 -8.10
CA ALA A 148 2.07 -16.60 -7.53
C ALA A 148 2.67 -17.93 -7.95
N GLY A 149 1.88 -18.76 -8.65
CA GLY A 149 2.42 -20.07 -9.03
C GLY A 149 1.37 -21.11 -9.39
N ASP A 150 1.68 -22.30 -8.98
CA ASP A 150 0.82 -23.49 -9.27
C ASP A 150 -0.25 -23.68 -8.19
N LYS A 151 -0.20 -22.81 -7.21
CA LYS A 151 -1.14 -22.89 -6.06
C LYS A 151 -1.85 -21.59 -5.75
N VAL A 152 -3.07 -21.73 -5.27
CA VAL A 152 -3.85 -20.52 -4.88
C VAL A 152 -3.12 -19.88 -3.67
N THR A 153 -3.03 -18.55 -3.69
CA THR A 153 -2.43 -17.89 -2.50
C THR A 153 -3.31 -16.70 -2.18
N TYR A 154 -3.03 -15.91 -1.12
CA TYR A 154 -3.94 -14.80 -0.81
C TYR A 154 -3.96 -13.73 -1.85
N VAL A 155 -2.98 -13.71 -2.77
CA VAL A 155 -2.94 -12.63 -3.77
C VAL A 155 -4.00 -12.80 -4.85
N ASP A 156 -4.41 -14.04 -5.04
CA ASP A 156 -5.50 -14.32 -6.04
C ASP A 156 -6.76 -13.60 -5.64
N PHE A 157 -6.99 -13.48 -4.35
CA PHE A 157 -8.17 -12.76 -3.79
C PHE A 157 -8.14 -11.31 -4.15
N LEU A 158 -6.95 -10.65 -4.00
CA LEU A 158 -6.83 -9.23 -4.39
C LEU A 158 -6.94 -9.05 -5.88
N ALA A 159 -6.24 -9.91 -6.66
CA ALA A 159 -6.32 -9.80 -8.15
C ALA A 159 -7.74 -9.97 -8.71
N TYR A 160 -8.34 -10.99 -8.16
CA TYR A 160 -9.77 -11.31 -8.54
C TYR A 160 -10.59 -10.04 -8.42
N ASP A 161 -10.51 -9.48 -7.22
CA ASP A 161 -11.27 -8.28 -6.80
C ASP A 161 -11.05 -7.14 -7.77
N ILE A 162 -9.78 -6.75 -8.01
CA ILE A 162 -9.55 -5.60 -8.88
C ILE A 162 -9.93 -5.88 -10.35
N LEU A 163 -9.66 -7.06 -10.81
CA LEU A 163 -10.06 -7.34 -12.24
C LEU A 163 -11.56 -7.32 -12.40
N ASP A 164 -12.26 -7.91 -11.43
CA ASP A 164 -13.76 -7.87 -11.49
C ASP A 164 -14.18 -6.44 -11.50
N GLN A 165 -13.70 -5.53 -10.60
CA GLN A 165 -14.15 -4.15 -10.53
C GLN A 165 -13.97 -3.34 -11.83
N TYR A 166 -12.82 -3.55 -12.48
CA TYR A 166 -12.51 -2.86 -13.73
C TYR A 166 -13.47 -3.41 -14.84
N HIS A 167 -13.74 -4.65 -14.73
CA HIS A 167 -14.73 -5.29 -15.70
C HIS A 167 -16.12 -4.73 -15.60
N ILE A 168 -16.51 -4.40 -14.35
CA ILE A 168 -17.82 -3.72 -14.11
C ILE A 168 -17.86 -2.33 -14.65
N PHE A 169 -16.78 -1.59 -14.46
CA PHE A 169 -16.58 -0.22 -14.93
C PHE A 169 -16.60 -0.09 -16.47
N GLU A 170 -15.99 -1.08 -17.07
CA GLU A 170 -15.90 -1.17 -18.56
C GLU A 170 -15.98 -2.64 -18.94
N PRO A 171 -17.22 -3.08 -19.22
CA PRO A 171 -17.48 -4.47 -19.60
C PRO A 171 -16.60 -5.15 -20.63
N LYS A 172 -16.11 -4.40 -21.61
CA LYS A 172 -15.22 -5.03 -22.64
C LYS A 172 -13.73 -5.04 -22.40
N CYS A 173 -13.27 -4.65 -21.22
CA CYS A 173 -11.83 -4.50 -20.99
C CYS A 173 -11.07 -5.80 -20.95
N LEU A 174 -11.74 -6.93 -20.79
CA LEU A 174 -11.08 -8.23 -20.78
C LEU A 174 -11.20 -9.00 -22.10
N ASP A 175 -11.97 -8.48 -23.03
CA ASP A 175 -12.18 -9.24 -24.30
C ASP A 175 -10.87 -9.68 -24.89
N ALA A 176 -9.90 -8.82 -25.05
CA ALA A 176 -8.57 -9.16 -25.59
C ALA A 176 -7.71 -10.08 -24.77
N PHE A 177 -8.11 -10.36 -23.52
CA PHE A 177 -7.28 -11.20 -22.65
C PHE A 177 -7.86 -12.48 -22.08
N PRO A 178 -7.92 -13.52 -22.90
CA PRO A 178 -8.45 -14.82 -22.51
C PRO A 178 -7.93 -15.39 -21.21
N ASN A 179 -6.63 -15.31 -20.95
CA ASN A 179 -6.12 -15.88 -19.68
C ASN A 179 -6.74 -15.20 -18.46
N LEU A 180 -7.14 -13.97 -18.62
CA LEU A 180 -7.72 -13.13 -17.57
C LEU A 180 -9.18 -13.57 -17.33
N LYS A 181 -9.86 -13.73 -18.46
CA LYS A 181 -11.27 -14.24 -18.38
C LYS A 181 -11.28 -15.59 -17.70
N ASP A 182 -10.41 -16.46 -18.03
CA ASP A 182 -10.26 -17.79 -17.49
C ASP A 182 -9.90 -17.77 -16.00
N PHE A 183 -9.07 -16.79 -15.65
CA PHE A 183 -8.74 -16.67 -14.19
C PHE A 183 -10.03 -16.31 -13.43
N LEU A 184 -10.83 -15.44 -14.00
CA LEU A 184 -12.04 -15.00 -13.27
C LEU A 184 -12.97 -16.19 -13.08
N ALA A 185 -13.09 -16.93 -14.18
CA ALA A 185 -13.94 -18.14 -14.20
C ALA A 185 -13.44 -19.18 -13.23
N ARG A 186 -12.16 -19.47 -13.20
CA ARG A 186 -11.57 -20.41 -12.25
C ARG A 186 -11.67 -20.08 -10.75
N PHE A 187 -11.46 -18.79 -10.44
CA PHE A 187 -11.54 -18.30 -9.07
C PHE A 187 -12.98 -18.55 -8.60
N GLU A 188 -13.91 -18.10 -9.43
CA GLU A 188 -15.33 -18.18 -9.10
C GLU A 188 -15.86 -19.60 -9.02
N GLY A 189 -15.08 -20.54 -9.50
CA GLY A 189 -15.33 -21.97 -9.57
C GLY A 189 -14.91 -22.71 -8.33
N LEU A 190 -14.14 -22.07 -7.45
CA LEU A 190 -13.73 -22.70 -6.18
C LEU A 190 -15.03 -22.98 -5.38
N LYS A 191 -15.07 -24.16 -4.80
CA LYS A 191 -16.29 -24.62 -4.13
C LYS A 191 -16.79 -23.62 -3.10
N LYS A 192 -15.92 -23.15 -2.20
CA LYS A 192 -16.39 -22.17 -1.20
C LYS A 192 -16.74 -20.82 -1.73
N ILE A 193 -16.22 -20.44 -2.88
CA ILE A 193 -16.54 -19.14 -3.50
C ILE A 193 -17.86 -19.23 -4.26
N SER A 194 -18.10 -20.29 -5.04
CA SER A 194 -19.43 -20.28 -5.73
C SER A 194 -20.59 -20.23 -4.72
N ALA A 195 -20.46 -20.99 -3.69
CA ALA A 195 -21.39 -21.11 -2.56
C ALA A 195 -21.68 -19.78 -1.91
N TYR A 196 -20.63 -19.01 -1.59
CA TYR A 196 -20.79 -17.66 -1.00
C TYR A 196 -21.53 -16.66 -1.86
N MET A 197 -21.22 -16.71 -3.16
CA MET A 197 -21.81 -15.81 -4.16
C MET A 197 -23.33 -15.91 -4.20
N LYS A 198 -23.83 -17.03 -3.72
CA LYS A 198 -25.29 -17.28 -3.69
C LYS A 198 -25.88 -17.04 -2.30
N SER A 199 -25.04 -16.79 -1.30
CA SER A 199 -25.46 -16.68 0.10
C SER A 199 -26.11 -15.33 0.34
N SER A 200 -26.68 -15.18 1.53
CA SER A 200 -27.33 -13.93 1.91
C SER A 200 -26.21 -12.87 2.20
N ARG A 201 -25.03 -13.36 2.46
CA ARG A 201 -23.91 -12.46 2.84
C ARG A 201 -23.19 -11.72 1.73
N TYR A 202 -23.40 -12.15 0.49
CA TYR A 202 -22.72 -11.58 -0.66
C TYR A 202 -23.12 -10.16 -0.99
N LEU A 203 -22.07 -9.33 -1.15
CA LEU A 203 -22.25 -7.91 -1.46
C LEU A 203 -21.32 -7.51 -2.62
N SER A 204 -21.85 -7.42 -3.84
CA SER A 204 -20.93 -7.11 -4.95
C SER A 204 -20.94 -5.64 -5.32
N THR A 205 -22.06 -4.97 -5.14
CA THR A 205 -22.21 -3.52 -5.40
C THR A 205 -23.16 -3.05 -4.28
N PRO A 206 -23.21 -1.79 -3.94
CA PRO A 206 -22.42 -0.71 -4.50
C PRO A 206 -20.96 -1.00 -4.20
N ILE A 207 -20.14 -0.45 -5.08
CA ILE A 207 -18.69 -0.57 -4.95
C ILE A 207 -18.22 0.55 -4.00
N PHE A 208 -18.73 1.75 -4.23
CA PHE A 208 -18.21 2.86 -3.41
C PHE A 208 -19.24 3.43 -2.42
N SER A 209 -18.78 4.39 -1.65
CA SER A 209 -19.72 5.02 -0.67
C SER A 209 -20.52 6.06 -1.44
N LYS A 210 -21.46 6.64 -0.72
CA LYS A 210 -22.36 7.66 -1.26
C LYS A 210 -21.73 8.92 -1.81
N LEU A 211 -20.52 9.20 -1.45
CA LEU A 211 -19.74 10.37 -1.90
C LEU A 211 -19.35 10.18 -3.38
N ALA A 212 -19.08 8.93 -3.74
CA ALA A 212 -18.67 8.59 -5.12
C ALA A 212 -19.59 9.13 -6.21
N GLN A 213 -19.05 9.12 -7.42
CA GLN A 213 -19.72 9.59 -8.63
C GLN A 213 -20.25 8.41 -9.45
N TRP A 214 -19.78 7.22 -9.13
CA TRP A 214 -20.18 5.97 -9.79
C TRP A 214 -20.23 4.82 -8.79
N SER A 215 -21.14 3.90 -8.98
CA SER A 215 -21.35 2.70 -8.17
C SER A 215 -21.39 3.06 -6.67
N ASN A 216 -22.14 4.10 -6.39
CA ASN A 216 -22.26 4.67 -5.04
C ASN A 216 -23.67 4.48 -4.48
N LYS A 217 -24.48 3.74 -5.20
CA LYS A 217 -25.86 3.42 -4.87
C LYS A 217 -26.07 1.89 -4.88
N PRO B 1 26.86 -5.11 -9.94
CA PRO B 1 26.12 -5.03 -8.65
C PRO B 1 24.61 -4.89 -8.83
N MET B 2 23.93 -4.57 -7.70
CA MET B 2 22.50 -4.29 -7.80
C MET B 2 22.26 -2.89 -8.40
N ILE B 3 21.17 -2.64 -9.07
CA ILE B 3 20.80 -1.33 -9.57
C ILE B 3 19.49 -0.89 -8.88
N LEU B 4 19.51 0.32 -8.39
CA LEU B 4 18.31 1.01 -7.90
C LEU B 4 17.96 2.14 -8.82
N GLY B 5 16.79 2.16 -9.51
CA GLY B 5 16.31 3.24 -10.35
C GLY B 5 15.26 4.07 -9.67
N TYR B 6 15.27 5.38 -9.76
CA TYR B 6 14.28 6.28 -9.14
C TYR B 6 14.57 7.69 -9.63
N TRP B 7 13.73 8.64 -9.44
CA TRP B 7 13.85 10.05 -9.62
C TRP B 7 14.93 10.57 -8.62
N ASN B 8 15.51 11.68 -9.08
CA ASN B 8 16.63 12.26 -8.25
C ASN B 8 15.98 13.14 -7.18
N VAL B 9 15.12 12.47 -6.40
CA VAL B 9 14.40 13.09 -5.29
C VAL B 9 14.24 12.01 -4.18
N ARG B 10 13.97 12.54 -2.98
CA ARG B 10 13.76 11.61 -1.83
C ARG B 10 12.50 10.80 -2.13
N GLY B 11 11.39 11.47 -2.29
CA GLY B 11 10.13 10.74 -2.61
C GLY B 11 9.81 9.59 -1.66
N LEU B 12 9.43 8.42 -2.17
CA LEU B 12 9.17 7.23 -1.36
C LEU B 12 10.27 6.23 -1.33
N THR B 13 11.48 6.58 -1.77
CA THR B 13 12.63 5.71 -1.83
C THR B 13 13.68 5.94 -0.72
N HIS B 14 13.45 6.83 0.20
CA HIS B 14 14.47 6.98 1.31
C HIS B 14 14.71 5.68 2.02
N PRO B 15 13.64 4.92 2.36
CA PRO B 15 13.72 3.65 3.06
C PRO B 15 14.67 2.64 2.43
N ILE B 16 14.56 2.51 1.07
CA ILE B 16 15.37 1.59 0.30
C ILE B 16 16.87 2.02 0.24
N ARG B 17 17.09 3.27 -0.01
CA ARG B 17 18.53 3.75 -0.03
C ARG B 17 19.08 3.46 1.36
N LEU B 18 18.35 3.83 2.41
CA LEU B 18 18.87 3.50 3.79
C LEU B 18 19.17 2.06 4.10
N LEU B 19 18.34 1.10 3.58
CA LEU B 19 18.54 -0.32 3.87
C LEU B 19 19.68 -0.94 3.06
N LEU B 20 19.82 -0.43 1.86
CA LEU B 20 20.92 -0.89 0.98
C LEU B 20 22.21 -0.56 1.74
N GLU B 21 22.25 0.63 2.28
CA GLU B 21 23.48 1.03 3.07
C GLU B 21 23.66 0.25 4.34
N TYR B 22 22.54 0.12 5.09
CA TYR B 22 22.55 -0.68 6.35
C TYR B 22 23.08 -2.09 6.12
N THR B 23 22.63 -2.82 5.10
CA THR B 23 23.05 -4.17 4.80
C THR B 23 24.38 -4.28 4.07
N ASP B 24 25.08 -3.19 3.84
CA ASP B 24 26.36 -3.23 3.09
C ASP B 24 26.19 -3.87 1.71
N SER B 25 25.15 -3.49 1.02
CA SER B 25 24.86 -4.04 -0.31
C SER B 25 25.77 -3.35 -1.35
N SER B 26 26.17 -4.19 -2.30
CA SER B 26 26.94 -3.70 -3.46
C SER B 26 25.92 -3.18 -4.43
N TYR B 27 25.77 -1.88 -4.53
CA TYR B 27 24.78 -1.28 -5.42
C TYR B 27 25.20 0.01 -6.12
N GLU B 28 24.47 0.27 -7.19
CA GLU B 28 24.64 1.55 -7.91
C GLU B 28 23.25 2.07 -8.13
N GLU B 29 23.10 3.35 -8.26
CA GLU B 29 21.81 3.95 -8.49
C GLU B 29 21.76 4.67 -9.84
N LYS B 30 20.61 4.63 -10.42
CA LYS B 30 20.29 5.44 -11.59
C LYS B 30 19.29 6.46 -11.15
N ARG B 31 19.61 7.73 -11.09
CA ARG B 31 18.77 8.83 -10.66
C ARG B 31 18.32 9.68 -11.84
N TYR B 32 17.12 9.32 -12.36
CA TYR B 32 16.55 10.02 -13.50
C TYR B 32 16.08 11.39 -13.16
N ALA B 33 16.23 12.31 -14.12
CA ALA B 33 15.89 13.71 -13.98
C ALA B 33 14.67 14.03 -14.85
N MET B 34 13.80 14.80 -14.29
CA MET B 34 12.60 15.34 -14.92
C MET B 34 12.89 16.75 -15.40
N GLY B 35 12.25 17.16 -16.48
CA GLY B 35 12.42 18.52 -17.02
C GLY B 35 11.72 19.57 -16.20
N ASP B 36 12.10 20.81 -16.50
CA ASP B 36 11.50 21.99 -15.85
C ASP B 36 10.25 22.37 -16.66
N ALA B 37 9.49 23.26 -16.02
CA ALA B 37 8.24 23.79 -16.54
C ALA B 37 8.61 24.41 -17.89
N PRO B 38 7.66 24.56 -18.78
CA PRO B 38 6.25 24.23 -18.55
C PRO B 38 5.93 22.74 -18.52
N ASP B 39 6.41 21.99 -19.49
CA ASP B 39 6.15 20.57 -19.68
C ASP B 39 6.69 19.55 -18.69
N TYR B 40 7.85 19.79 -18.10
CA TYR B 40 8.39 18.81 -17.13
C TYR B 40 8.63 17.47 -17.84
N ASP B 41 9.64 17.45 -18.68
CA ASP B 41 9.99 16.29 -19.49
C ASP B 41 10.35 15.08 -18.60
N ARG B 42 9.75 13.95 -18.95
CA ARG B 42 10.03 12.70 -18.21
C ARG B 42 10.71 11.70 -19.15
N SER B 43 11.12 12.21 -20.32
CA SER B 43 11.75 11.31 -21.31
C SER B 43 12.89 10.43 -20.89
N GLN B 44 13.78 10.84 -19.99
CA GLN B 44 14.93 10.03 -19.60
C GLN B 44 14.48 8.64 -19.07
N TRP B 45 13.32 8.71 -18.44
CA TRP B 45 12.75 7.46 -17.89
C TRP B 45 11.88 6.76 -18.97
N LEU B 46 11.05 7.51 -19.56
CA LEU B 46 10.04 7.01 -20.56
C LEU B 46 10.73 6.26 -21.68
N ASN B 47 11.87 6.75 -22.15
CA ASN B 47 12.69 6.15 -23.18
C ASN B 47 13.03 4.71 -22.84
N GLU B 48 13.21 4.34 -21.59
CA GLU B 48 13.54 2.95 -21.32
C GLU B 48 12.54 2.25 -20.40
N LYS B 49 11.44 2.89 -20.11
CA LYS B 49 10.44 2.27 -19.17
C LYS B 49 10.13 0.80 -19.47
N PHE B 50 9.87 0.61 -20.75
CA PHE B 50 9.44 -0.70 -21.30
C PHE B 50 10.58 -1.50 -21.91
N LYS B 51 11.83 -1.13 -21.59
CA LYS B 51 12.99 -1.92 -22.03
C LYS B 51 13.86 -2.55 -20.98
N LEU B 52 13.41 -2.61 -19.76
CA LEU B 52 14.15 -3.12 -18.62
C LEU B 52 13.69 -4.53 -18.27
N GLY B 53 12.62 -5.03 -18.88
CA GLY B 53 12.27 -6.45 -18.53
C GLY B 53 11.54 -6.51 -17.18
N LEU B 54 11.00 -5.40 -16.82
CA LEU B 54 10.23 -5.26 -15.54
C LEU B 54 8.81 -5.75 -15.84
N ASP B 55 8.21 -6.47 -14.89
CA ASP B 55 6.82 -6.97 -15.10
C ASP B 55 5.80 -5.86 -15.13
N PHE B 56 5.88 -4.98 -14.14
CA PHE B 56 4.95 -3.85 -13.99
C PHE B 56 5.89 -2.64 -13.84
N PRO B 57 6.41 -2.17 -14.97
CA PRO B 57 7.36 -1.03 -14.91
C PRO B 57 6.89 0.14 -14.09
N ASN B 58 7.86 0.63 -13.26
CA ASN B 58 7.52 1.78 -12.43
C ASN B 58 8.88 2.21 -11.77
N LEU B 59 8.75 3.26 -11.03
CA LEU B 59 9.86 3.80 -10.19
C LEU B 59 9.39 3.88 -8.70
N PRO B 60 10.14 3.40 -7.78
CA PRO B 60 11.40 2.70 -7.95
C PRO B 60 11.43 1.28 -8.46
N TYR B 61 12.58 0.86 -8.99
CA TYR B 61 12.84 -0.50 -9.38
C TYR B 61 14.15 -1.00 -8.85
N LEU B 62 14.30 -2.26 -8.65
CA LEU B 62 15.49 -2.91 -8.18
C LEU B 62 15.82 -4.06 -9.12
N ILE B 63 17.07 -4.03 -9.57
CA ILE B 63 17.66 -5.13 -10.34
C ILE B 63 18.73 -5.78 -9.49
N ASP B 64 18.57 -7.07 -9.21
CA ASP B 64 19.52 -7.84 -8.41
C ASP B 64 19.80 -9.18 -9.08
N GLY B 65 20.87 -9.21 -9.87
CA GLY B 65 21.19 -10.51 -10.57
C GLY B 65 20.05 -10.70 -11.59
N SER B 66 19.45 -11.88 -11.55
CA SER B 66 18.35 -12.17 -12.50
C SER B 66 17.01 -11.66 -11.96
N ARG B 67 16.97 -11.25 -10.73
CA ARG B 67 15.72 -10.71 -10.14
C ARG B 67 15.43 -9.25 -10.44
N LYS B 68 14.24 -8.90 -10.90
CA LYS B 68 13.84 -7.53 -11.22
C LYS B 68 12.57 -7.16 -10.44
N ILE B 69 12.66 -6.20 -9.54
CA ILE B 69 11.46 -5.88 -8.70
C ILE B 69 10.95 -4.48 -8.84
N THR B 70 9.67 -4.20 -8.75
CA THR B 70 9.00 -2.93 -8.67
C THR B 70 8.08 -2.97 -7.41
N GLN B 71 7.50 -1.84 -7.12
CA GLN B 71 6.67 -1.66 -5.89
C GLN B 71 7.62 -1.46 -4.70
N SER B 72 7.74 -0.24 -4.22
CA SER B 72 8.67 0.07 -3.07
C SER B 72 8.53 -0.91 -1.92
N ASN B 73 7.28 -1.26 -1.56
CA ASN B 73 7.07 -2.22 -0.45
C ASN B 73 7.70 -3.52 -0.76
N ALA B 74 7.45 -4.02 -1.98
CA ALA B 74 8.03 -5.31 -2.41
C ALA B 74 9.55 -5.29 -2.40
N ILE B 75 10.16 -4.20 -2.74
CA ILE B 75 11.65 -4.08 -2.71
C ILE B 75 12.18 -4.22 -1.26
N MET B 76 11.38 -3.51 -0.42
CA MET B 76 11.76 -3.53 1.02
C MET B 76 11.68 -4.94 1.52
N ARG B 77 10.54 -5.69 1.33
CA ARG B 77 10.41 -7.07 1.75
C ARG B 77 11.45 -7.99 1.22
N TYR B 78 11.78 -7.85 -0.08
CA TYR B 78 12.83 -8.66 -0.70
C TYR B 78 14.14 -8.57 0.08
N LEU B 79 14.56 -7.34 0.26
CA LEU B 79 15.85 -7.04 0.99
C LEU B 79 15.78 -7.61 2.41
N ALA B 80 14.63 -7.45 3.03
CA ALA B 80 14.40 -7.97 4.40
C ALA B 80 14.68 -9.46 4.48
N ARG B 81 14.10 -10.30 3.61
CA ARG B 81 14.25 -11.75 3.67
C ARG B 81 15.69 -12.15 3.33
N LYS B 82 16.28 -11.28 2.48
CA LYS B 82 17.65 -11.51 2.00
C LYS B 82 18.65 -11.37 3.12
N HIS B 83 18.41 -10.44 4.02
CA HIS B 83 19.37 -10.09 5.10
C HIS B 83 18.90 -10.36 6.54
N HIS B 84 17.89 -11.19 6.58
CA HIS B 84 17.22 -11.61 7.84
C HIS B 84 16.73 -10.47 8.71
N LEU B 85 15.99 -9.51 8.19
CA LEU B 85 15.47 -8.35 8.86
C LEU B 85 13.95 -8.31 8.94
N CYS B 86 13.37 -9.45 9.16
CA CYS B 86 11.87 -9.61 9.27
C CYS B 86 11.53 -9.87 10.74
N GLY B 87 10.25 -9.76 11.06
CA GLY B 87 9.83 -10.12 12.44
C GLY B 87 10.00 -11.63 12.56
N GLU B 88 10.32 -12.11 13.76
CA GLU B 88 10.54 -13.54 14.00
C GLU B 88 9.29 -14.25 14.49
N THR B 89 8.56 -13.65 15.41
CA THR B 89 7.31 -14.24 15.92
C THR B 89 6.09 -13.68 15.22
N GLU B 90 4.93 -14.25 15.55
CA GLU B 90 3.65 -13.85 14.98
C GLU B 90 3.33 -12.43 15.37
N GLU B 91 3.60 -12.13 16.65
CA GLU B 91 3.36 -10.78 17.16
C GLU B 91 4.20 -9.76 16.39
N GLU B 92 5.38 -10.15 16.03
CA GLU B 92 6.34 -9.28 15.31
C GLU B 92 5.94 -9.09 13.85
N ARG B 93 5.49 -10.18 13.25
CA ARG B 93 4.99 -10.11 11.83
C ARG B 93 3.81 -9.20 11.70
N ILE B 94 2.84 -9.34 12.63
CA ILE B 94 1.66 -8.48 12.69
C ILE B 94 1.96 -6.99 12.80
N ARG B 95 2.75 -6.63 13.81
CA ARG B 95 3.19 -5.24 14.01
C ARG B 95 3.87 -4.74 12.72
N ALA B 96 4.71 -5.58 12.15
CA ALA B 96 5.40 -5.15 10.87
C ALA B 96 4.40 -4.86 9.77
N ASP B 97 3.49 -5.81 9.56
CA ASP B 97 2.42 -5.60 8.52
C ASP B 97 1.65 -4.33 8.64
N ILE B 98 1.17 -4.04 9.90
CA ILE B 98 0.35 -2.85 10.13
C ILE B 98 1.17 -1.58 9.81
N VAL B 99 2.35 -1.49 10.39
CA VAL B 99 3.15 -0.24 10.24
C VAL B 99 3.46 0.02 8.75
N GLU B 100 3.91 -1.05 8.12
CA GLU B 100 4.22 -0.88 6.63
C GLU B 100 3.10 -0.20 5.95
N ASN B 101 1.84 -0.71 6.12
CA ASN B 101 0.65 -0.22 5.48
C ASN B 101 0.28 1.19 5.96
N GLN B 102 0.44 1.28 7.30
CA GLN B 102 0.03 2.60 7.89
C GLN B 102 0.93 3.70 7.34
N VAL B 103 2.21 3.38 7.27
CA VAL B 103 3.15 4.44 6.72
C VAL B 103 2.70 4.91 5.35
N MET B 104 2.36 3.90 4.54
CA MET B 104 1.87 4.17 3.16
C MET B 104 0.71 5.12 3.17
N ASP B 105 -0.30 4.91 4.00
CA ASP B 105 -1.45 5.83 4.14
C ASP B 105 -1.05 7.27 4.48
N ASN B 106 -0.20 7.37 5.45
CA ASN B 106 0.29 8.70 5.94
C ASN B 106 1.10 9.40 4.83
N ARG B 107 1.88 8.62 4.12
CA ARG B 107 2.65 9.17 2.96
C ARG B 107 1.73 9.72 1.89
N MET B 108 0.66 9.01 1.53
CA MET B 108 -0.28 9.47 0.51
C MET B 108 -1.06 10.71 0.94
N GLN B 109 -1.38 10.80 2.22
CA GLN B 109 -2.11 11.98 2.75
C GLN B 109 -1.21 13.21 2.54
N LEU B 110 0.05 13.04 2.86
CA LEU B 110 1.04 14.14 2.72
C LEU B 110 1.06 14.56 1.26
N ILE B 111 1.45 13.66 0.38
CA ILE B 111 1.51 13.95 -1.06
C ILE B 111 0.25 14.67 -1.54
N MET B 112 -0.89 14.24 -1.03
CA MET B 112 -2.17 14.82 -1.47
C MET B 112 -2.27 16.30 -1.14
N LEU B 113 -1.85 16.65 0.05
CA LEU B 113 -1.86 18.03 0.55
C LEU B 113 -0.86 18.90 -0.21
N CYS B 114 0.29 18.31 -0.43
CA CYS B 114 1.46 18.95 -1.05
C CYS B 114 1.37 19.08 -2.56
N TYR B 115 0.58 18.23 -3.18
CA TYR B 115 0.36 18.28 -4.64
C TYR B 115 -1.04 18.84 -4.89
N ASN B 116 -1.45 19.70 -3.98
CA ASN B 116 -2.76 20.39 -4.06
C ASN B 116 -2.36 21.83 -4.40
N PRO B 117 -3.15 22.46 -5.24
CA PRO B 117 -2.88 23.82 -5.70
C PRO B 117 -2.76 24.87 -4.60
N ASP B 118 -3.73 24.90 -3.71
CA ASP B 118 -3.80 25.85 -2.58
C ASP B 118 -3.13 25.23 -1.34
N PHE B 119 -1.95 24.72 -1.63
CA PHE B 119 -1.10 24.06 -0.62
C PHE B 119 -1.14 24.81 0.72
N GLU B 120 -0.91 26.09 0.61
CA GLU B 120 -0.87 27.06 1.70
C GLU B 120 -2.17 27.15 2.48
N LYS B 121 -3.27 26.95 1.77
CA LYS B 121 -4.61 26.98 2.35
C LYS B 121 -4.90 25.88 3.37
N GLN B 122 -4.36 24.70 3.08
CA GLN B 122 -4.67 23.49 3.87
C GLN B 122 -3.77 23.23 5.07
N LYS B 123 -2.50 23.46 4.79
CA LYS B 123 -1.46 23.24 5.81
C LYS B 123 -1.96 23.50 7.22
N PRO B 124 -2.67 24.61 7.35
CA PRO B 124 -3.23 25.02 8.65
C PRO B 124 -3.84 23.83 9.42
N GLU B 125 -5.02 23.52 8.94
CA GLU B 125 -5.92 22.45 9.36
C GLU B 125 -5.32 21.07 9.11
N PHE B 126 -4.25 21.03 8.32
CA PHE B 126 -3.61 19.72 8.07
C PHE B 126 -2.68 19.51 9.29
N LEU B 127 -2.05 20.61 9.70
CA LEU B 127 -1.15 20.54 10.86
C LEU B 127 -2.08 20.25 12.05
N LYS B 128 -3.35 20.39 11.74
CA LYS B 128 -4.38 20.12 12.78
C LYS B 128 -4.40 18.62 13.08
N THR B 129 -4.29 17.81 12.03
CA THR B 129 -4.33 16.35 12.14
C THR B 129 -3.05 15.74 12.69
N ILE B 130 -1.91 16.38 12.61
CA ILE B 130 -0.66 15.77 13.03
C ILE B 130 -0.54 15.13 14.40
N PRO B 131 -1.03 15.81 15.42
CA PRO B 131 -0.97 15.31 16.80
C PRO B 131 -1.58 13.93 16.99
N GLU B 132 -2.80 13.75 16.52
CA GLU B 132 -3.46 12.45 16.72
C GLU B 132 -2.71 11.40 15.92
N LYS B 133 -2.12 11.78 14.79
CA LYS B 133 -1.31 10.88 13.97
C LYS B 133 -0.07 10.46 14.73
N MET B 134 0.63 11.48 15.21
CA MET B 134 1.88 11.24 15.97
C MET B 134 1.55 10.46 17.25
N LYS B 135 0.46 10.84 17.92
CA LYS B 135 0.13 10.15 19.20
C LYS B 135 -0.04 8.67 18.99
N LEU B 136 -0.69 8.32 17.85
CA LEU B 136 -0.86 6.88 17.52
C LEU B 136 0.50 6.24 17.33
N TYR B 137 1.45 6.87 16.61
CA TYR B 137 2.77 6.24 16.48
C TYR B 137 3.43 6.10 17.85
N SER B 138 3.30 7.20 18.60
CA SER B 138 3.91 7.18 19.97
C SER B 138 3.46 6.02 20.83
N GLU B 139 2.15 5.94 21.02
CA GLU B 139 1.58 4.88 21.88
C GLU B 139 1.87 3.50 21.36
N PHE B 140 1.88 3.33 20.03
CA PHE B 140 2.21 2.02 19.44
C PHE B 140 3.62 1.58 19.76
N LEU B 141 4.57 2.54 19.71
CA LEU B 141 5.98 2.19 20.00
C LEU B 141 6.16 1.94 21.50
N GLY B 142 5.60 2.84 22.27
CA GLY B 142 5.69 2.64 23.76
C GLY B 142 7.13 2.72 24.24
N LYS B 143 7.64 1.72 24.93
CA LYS B 143 8.99 1.71 25.52
C LYS B 143 9.99 0.83 24.77
N ARG B 144 9.52 0.18 23.71
CA ARG B 144 10.31 -0.73 22.87
C ARG B 144 11.32 0.14 22.11
N PRO B 145 12.46 -0.45 21.79
CA PRO B 145 13.51 0.25 21.05
C PRO B 145 13.20 0.39 19.53
N TRP B 146 12.56 -0.63 19.01
CA TRP B 146 12.19 -0.71 17.58
C TRP B 146 10.70 -1.07 17.43
N PHE B 147 10.12 -0.70 16.30
CA PHE B 147 8.69 -0.92 16.05
C PHE B 147 8.18 -2.36 16.08
N ALA B 148 8.91 -3.36 15.71
CA ALA B 148 8.33 -4.71 15.69
C ALA B 148 8.59 -5.43 17.01
N GLY B 149 9.62 -5.01 17.71
CA GLY B 149 10.04 -5.67 18.94
C GLY B 149 11.51 -5.53 19.32
N ASP B 150 12.19 -6.65 19.54
CA ASP B 150 13.57 -6.62 20.07
C ASP B 150 14.72 -6.32 19.12
N LYS B 151 14.43 -6.43 17.85
CA LYS B 151 15.49 -6.23 16.83
C LYS B 151 15.03 -5.19 15.79
N VAL B 152 16.03 -4.67 15.10
CA VAL B 152 15.74 -3.72 14.01
C VAL B 152 15.18 -4.62 12.89
N THR B 153 14.16 -4.08 12.27
CA THR B 153 13.51 -4.80 11.11
C THR B 153 13.28 -3.78 10.03
N TYR B 154 12.91 -4.21 8.82
CA TYR B 154 12.71 -3.30 7.67
C TYR B 154 11.75 -2.20 7.96
N VAL B 155 10.78 -2.45 8.91
CA VAL B 155 9.75 -1.45 9.15
C VAL B 155 10.33 -0.21 9.87
N ASP B 156 11.34 -0.36 10.67
CA ASP B 156 11.95 0.83 11.29
C ASP B 156 12.42 1.81 10.22
N PHE B 157 12.94 1.26 9.09
CA PHE B 157 13.33 2.22 7.99
C PHE B 157 12.20 3.05 7.47
N LEU B 158 11.00 2.39 7.33
CA LEU B 158 9.79 3.01 6.82
C LEU B 158 9.28 4.07 7.81
N ALA B 159 9.28 3.60 9.07
CA ALA B 159 8.83 4.49 10.16
C ALA B 159 9.84 5.65 10.33
N TYR B 160 11.10 5.34 10.23
CA TYR B 160 12.06 6.53 10.28
C TYR B 160 11.75 7.61 9.26
N ASP B 161 11.52 7.17 8.02
CA ASP B 161 11.24 8.07 6.86
C ASP B 161 10.05 8.96 7.08
N ILE B 162 8.86 8.37 7.40
CA ILE B 162 7.66 9.15 7.56
C ILE B 162 7.80 10.11 8.77
N LEU B 163 8.36 9.65 9.84
CA LEU B 163 8.43 10.52 11.10
C LEU B 163 9.38 11.67 10.71
N ASP B 164 10.42 11.36 9.96
CA ASP B 164 11.31 12.46 9.46
C ASP B 164 10.57 13.48 8.64
N GLN B 165 9.82 13.18 7.59
CA GLN B 165 9.08 14.06 6.71
C GLN B 165 8.02 14.95 7.39
N TYR B 166 7.32 14.34 8.33
CA TYR B 166 6.29 15.08 9.09
C TYR B 166 7.12 16.06 9.94
N HIS B 167 8.31 15.69 10.36
CA HIS B 167 9.20 16.54 11.16
C HIS B 167 9.73 17.79 10.46
N ILE B 168 9.84 17.71 9.15
CA ILE B 168 10.23 18.69 8.18
C ILE B 168 9.05 19.64 7.96
N PHE B 169 7.89 19.07 7.67
CA PHE B 169 6.68 19.84 7.35
C PHE B 169 6.23 20.66 8.55
N GLU B 170 6.25 20.04 9.71
CA GLU B 170 5.83 20.68 10.98
C GLU B 170 6.86 20.43 12.07
N PRO B 171 7.88 21.28 12.12
CA PRO B 171 9.00 21.16 13.03
C PRO B 171 8.72 20.95 14.51
N LYS B 172 7.55 21.38 14.93
CA LYS B 172 7.17 21.22 16.35
C LYS B 172 6.32 19.99 16.64
N CYS B 173 5.80 19.32 15.63
CA CYS B 173 4.94 18.14 15.74
C CYS B 173 5.40 17.05 16.70
N LEU B 174 6.69 16.94 16.95
CA LEU B 174 7.21 15.90 17.84
C LEU B 174 7.54 16.32 19.26
N ASP B 175 7.40 17.60 19.59
CA ASP B 175 7.83 17.98 20.98
C ASP B 175 7.12 17.22 22.08
N ALA B 176 5.88 16.89 21.89
CA ALA B 176 5.05 16.15 22.85
C ALA B 176 5.30 14.66 22.93
N PHE B 177 6.12 14.11 22.03
CA PHE B 177 6.38 12.66 21.96
C PHE B 177 7.84 12.26 22.00
N PRO B 178 8.45 12.31 23.18
CA PRO B 178 9.84 11.99 23.37
C PRO B 178 10.29 10.64 22.85
N ASN B 179 9.48 9.59 22.98
CA ASN B 179 9.95 8.27 22.53
C ASN B 179 10.14 8.30 21.00
N LEU B 180 9.44 9.17 20.31
CA LEU B 180 9.57 9.33 18.86
C LEU B 180 10.85 10.12 18.53
N LYS B 181 11.16 11.15 19.29
CA LYS B 181 12.41 11.90 19.12
C LYS B 181 13.56 10.95 19.43
N ASP B 182 13.48 10.09 20.43
CA ASP B 182 14.51 9.12 20.77
C ASP B 182 14.74 8.02 19.72
N PHE B 183 13.63 7.64 19.11
CA PHE B 183 13.66 6.63 18.01
C PHE B 183 14.39 7.29 16.82
N LEU B 184 14.11 8.52 16.46
CA LEU B 184 14.85 9.16 15.34
C LEU B 184 16.36 9.23 15.55
N ALA B 185 16.74 9.48 16.80
CA ALA B 185 18.11 9.60 17.25
C ALA B 185 18.75 8.24 17.28
N ARG B 186 18.00 7.21 17.67
CA ARG B 186 18.55 5.85 17.75
C ARG B 186 18.83 5.29 16.34
N PHE B 187 17.94 5.57 15.43
CA PHE B 187 18.03 5.11 14.04
C PHE B 187 19.23 5.81 13.37
N GLU B 188 19.24 7.09 13.49
CA GLU B 188 20.29 8.00 12.97
C GLU B 188 21.64 7.64 13.50
N GLY B 189 21.63 6.98 14.66
CA GLY B 189 22.83 6.51 15.34
C GLY B 189 23.37 5.16 14.96
N LEU B 190 22.68 4.36 14.17
CA LEU B 190 23.18 3.05 13.75
C LEU B 190 24.45 3.40 12.93
N LYS B 191 25.48 2.64 13.17
CA LYS B 191 26.80 2.89 12.54
C LYS B 191 26.76 3.19 11.05
N LYS B 192 26.18 2.23 10.32
CA LYS B 192 26.10 2.37 8.85
C LYS B 192 25.24 3.53 8.42
N ILE B 193 24.22 3.93 9.17
CA ILE B 193 23.37 5.07 8.81
C ILE B 193 24.10 6.43 9.01
N SER B 194 24.74 6.47 10.16
CA SER B 194 25.48 7.74 10.50
C SER B 194 26.46 8.05 9.37
N ALA B 195 27.26 7.10 9.00
CA ALA B 195 28.29 7.22 7.96
C ALA B 195 27.73 7.61 6.59
N TYR B 196 26.61 6.98 6.27
CA TYR B 196 25.91 7.33 5.03
C TYR B 196 25.40 8.72 5.06
N MET B 197 24.84 9.26 6.14
CA MET B 197 24.33 10.63 6.22
C MET B 197 25.39 11.75 6.04
N LYS B 198 26.63 11.40 6.09
CA LYS B 198 27.76 12.35 5.88
C LYS B 198 28.40 12.11 4.50
N SER B 199 27.74 11.21 3.76
CA SER B 199 28.33 10.78 2.48
C SER B 199 27.81 11.61 1.32
N SER B 200 28.46 11.38 0.16
CA SER B 200 28.03 12.14 -0.99
C SER B 200 26.75 11.46 -1.54
N ARG B 201 26.46 10.26 -1.12
CA ARG B 201 25.23 9.68 -1.81
C ARG B 201 23.94 10.10 -1.15
N TYR B 202 24.08 10.70 0.03
CA TYR B 202 22.94 11.15 0.82
C TYR B 202 22.11 12.21 0.14
N LEU B 203 20.79 11.92 0.09
CA LEU B 203 19.81 12.82 -0.55
C LEU B 203 18.57 13.03 0.32
N SER B 204 18.69 13.91 1.30
CA SER B 204 17.58 14.19 2.22
C SER B 204 16.51 15.07 1.61
N THR B 205 16.85 15.95 0.69
CA THR B 205 15.85 16.81 0.04
C THR B 205 16.24 17.09 -1.40
N PRO B 206 15.35 17.55 -2.25
CA PRO B 206 13.94 17.81 -1.98
C PRO B 206 13.24 16.43 -1.89
N ILE B 207 12.00 16.51 -1.44
CA ILE B 207 11.20 15.30 -1.25
C ILE B 207 10.31 14.92 -2.42
N PHE B 208 9.75 15.97 -2.99
CA PHE B 208 8.78 15.88 -4.09
C PHE B 208 9.40 16.60 -5.29
N SER B 209 8.84 16.34 -6.45
CA SER B 209 9.33 16.97 -7.70
C SER B 209 8.91 18.44 -7.69
N LYS B 210 9.67 19.25 -8.42
CA LYS B 210 9.40 20.68 -8.60
C LYS B 210 7.87 20.89 -8.70
N LEU B 211 7.20 19.77 -8.96
CA LEU B 211 5.75 19.71 -9.13
C LEU B 211 4.96 20.20 -7.92
N ALA B 212 5.29 19.67 -6.75
CA ALA B 212 4.62 20.03 -5.50
C ALA B 212 4.74 21.52 -5.19
N GLN B 213 4.22 21.91 -4.03
CA GLN B 213 4.21 23.26 -3.49
C GLN B 213 4.93 23.33 -2.14
N TRP B 214 5.79 22.36 -1.92
CA TRP B 214 6.58 22.27 -0.68
C TRP B 214 7.67 21.23 -0.96
N SER B 215 8.80 21.44 -0.32
CA SER B 215 9.96 20.55 -0.45
C SER B 215 10.11 20.15 -1.91
N ASN B 216 9.92 21.12 -2.77
CA ASN B 216 9.99 20.85 -4.23
C ASN B 216 11.27 21.33 -4.87
N LYS B 217 12.23 21.80 -4.06
CA LYS B 217 13.56 22.21 -4.55
C LYS B 217 14.74 21.73 -3.70
S SO4 C . 4.62 -13.93 5.64
O1 SO4 C . 5.67 -13.42 4.70
O2 SO4 C . 3.36 -13.08 5.57
O3 SO4 C . 4.27 -15.37 5.27
O4 SO4 C . 5.20 -13.95 7.04
S SO4 D . -0.16 -15.55 21.61
O1 SO4 D . 0.78 -15.64 20.44
O2 SO4 D . 0.03 -14.25 22.34
O3 SO4 D . -1.59 -15.68 21.14
O4 SO4 D . 0.12 -16.73 22.53
S SO4 E . -10.27 11.74 13.59
O1 SO4 E . -10.84 13.14 13.37
O2 SO4 E . -9.83 11.74 15.03
O3 SO4 E . -11.37 10.71 13.39
O4 SO4 E . -9.13 11.54 12.62
S SO4 F . -24.31 -21.15 3.31
O1 SO4 F . -23.75 -22.09 2.27
O2 SO4 F . -25.48 -21.76 4.08
O3 SO4 F . -23.26 -20.93 4.40
O4 SO4 F . -24.73 -19.85 2.69
N1 GTD G . -4.80 1.68 3.64
CA1 GTD G . -6.10 1.38 4.37
C1 GTD G . -6.60 -0.03 4.27
O11 GTD G . -7.36 -0.54 5.14
O12 GTD G . -6.19 -0.82 3.22
CB1 GTD G . -7.04 2.52 4.05
CG1 GTD G . -8.32 2.26 4.89
CD1 GTD G . -9.30 3.36 4.77
OE1 GTD G . -8.97 4.46 4.28
N2 GTD G . -10.58 3.20 5.21
CA2 GTD G . -11.67 4.08 4.84
C2 GTD G . -12.38 4.55 6.10
O2 GTD G . -13.47 5.07 5.95
CB2 GTD G . -12.69 3.32 3.93
SG2 GTD G . -12.06 2.61 2.47
N3 GTD G . -11.65 4.45 7.23
CA3 GTD G . -12.26 4.90 8.46
C3 GTD G . -11.76 6.17 9.05
O31 GTD G . -10.92 6.89 8.44
O32 GTD G . -12.21 6.59 10.22
C1' GTD G . -12.43 3.79 1.24
C2' GTD G . -13.54 3.17 0.42
N2' GTD G . -14.92 3.32 0.79
O21 GTD G . -15.19 3.30 2.02
O22 GTD G . -15.75 3.41 -0.11
C3' GTD G . -13.34 2.41 -0.73
C4' GTD G . -12.05 2.39 -1.31
N4' GTD G . -11.85 1.51 -2.46
O41 GTD G . -12.80 1.13 -3.17
O42 GTD G . -10.73 1.11 -2.74
C5' GTD G . -11.00 3.13 -0.78
C6' GTD G . -11.19 3.87 0.36
N6' GTD G . -10.27 4.80 0.89
O61 GTD G . -9.02 4.66 0.81
O62 GTD G . -10.73 5.83 1.45
S SO4 H . 31.56 7.03 2.35
O1 SO4 H . 32.44 6.93 1.12
O2 SO4 H . 31.02 8.44 2.37
O3 SO4 H . 30.48 5.98 2.35
O4 SO4 H . 32.29 6.68 3.63
S SO4 I . 19.36 2.75 22.36
O1 SO4 I . 18.96 2.33 20.95
O2 SO4 I . 18.40 3.75 22.95
O3 SO4 I . 19.38 1.50 23.21
O4 SO4 I . 20.74 3.37 22.19
N1 GTD J . 3.02 1.88 -5.27
CA1 GTD J . 4.24 2.27 -6.12
C1 GTD J . 5.48 1.97 -5.28
O11 GTD J . 6.58 1.76 -5.78
O12 GTD J . 5.33 1.91 -3.95
CB1 GTD J . 4.14 3.76 -6.53
CG1 GTD J . 5.19 4.07 -7.59
CD1 GTD J . 4.93 5.39 -8.30
OE1 GTD J . 3.79 5.93 -8.40
N2 GTD J . 6.01 5.92 -8.85
CA2 GTD J . 6.11 7.34 -9.28
C2 GTD J . 6.62 7.31 -10.72
O2 GTD J . 7.09 8.34 -11.23
CB2 GTD J . 7.06 8.11 -8.40
SG2 GTD J . 6.67 8.08 -6.67
N3 GTD J . 6.52 6.14 -11.39
CA3 GTD J . 7.02 6.05 -12.75
C3 GTD J . 5.91 5.87 -13.78
O31 GTD J . 4.73 6.05 -13.49
O32 GTD J . 6.26 5.53 -15.03
C1' GTD J . 5.71 9.55 -6.45
C2' GTD J . 6.62 10.51 -5.74
N2' GTD J . 7.57 11.35 -6.45
O21 GTD J . 8.14 10.85 -7.43
O22 GTD J . 7.80 12.47 -5.95
C3' GTD J . 6.69 10.66 -4.38
C4' GTD J . 5.70 10.07 -3.61
N4' GTD J . 5.86 10.11 -2.14
O41 GTD J . 6.68 10.91 -1.64
O42 GTD J . 5.17 9.42 -1.38
C5' GTD J . 4.65 9.34 -4.14
C6' GTD J . 4.60 9.16 -5.51
N6' GTD J . 3.46 8.70 -6.23
O61 GTD J . 2.79 7.80 -5.68
O62 GTD J . 3.15 9.15 -7.32
#